data_5K4C
#
_entry.id   5K4C
#
_cell.length_a   49.011
_cell.length_b   61.844
_cell.length_c   138.311
_cell.angle_alpha   90.00
_cell.angle_beta   90.00
_cell.angle_gamma   90.00
#
_symmetry.space_group_name_H-M   'P 21 21 21'
#
loop_
_entity.id
_entity.type
_entity.pdbx_description
1 polymer 'Eukaryotic translation initiation factor 3 subunit D'
2 non-polymer GLYCEROL
3 water water
#
_entity_poly.entity_id   1
_entity_poly.type   'polypeptide(L)'
_entity_poly.pdbx_seq_one_letter_code
;GSSVTVRPDWVTIEEMDFPRLSKLTLPGVKEGEDVLCCGAVEYYDKSYDRVNVKNEKPLQRIDRIFHTVTTTDDPVIRKL
SKTEGNVYATDAILATIMCCTRSNYSWDIVIEKIGNKLFFDKRDNTEFDLLTVNETSVEPPQDDGNSLNSPRNLALEATF
INHNFSQQVLKSNEPRYKFDEPNPFISEEEEGEVASVAYRYRKWDLNNGITLIARCEHDAVMQGPNNETQFLTIKALNEW
DSKLANGVEWRRKLDTQRGAVLANELRNNACKLAKWTVQALLAGSDQLKFGYVSRASVRDSSKHVILETQQYKPNEFATQ
INLNMDNAWGILRCIIDICMNQKDGKYLIMKDPNKPMIRLYDIPDNTF
;
_entity_poly.pdbx_strand_id   A
#
loop_
_chem_comp.id
_chem_comp.type
_chem_comp.name
_chem_comp.formula
GOL non-polymer GLYCEROL 'C3 H8 O3'
#
# COMPACT_ATOMS: atom_id res chain seq x y z
N SER A 3 -0.49 -18.51 -0.64
CA SER A 3 0.53 -17.71 0.04
C SER A 3 1.18 -18.56 1.13
N VAL A 4 0.38 -19.45 1.73
CA VAL A 4 0.84 -20.25 2.84
C VAL A 4 0.19 -21.64 2.81
N THR A 5 0.93 -22.65 3.26
CA THR A 5 0.40 -24.02 3.32
C THR A 5 -0.29 -24.26 4.65
N VAL A 6 -1.60 -24.50 4.61
CA VAL A 6 -2.35 -24.81 5.82
C VAL A 6 -1.96 -26.20 6.31
N ARG A 7 -1.64 -26.31 7.60
CA ARG A 7 -1.21 -27.58 8.18
C ARG A 7 -2.36 -28.26 8.91
N PRO A 8 -2.28 -29.59 9.10
CA PRO A 8 -3.33 -30.34 9.81
C PRO A 8 -3.61 -29.89 11.24
N ASP A 9 -2.63 -29.34 11.95
CA ASP A 9 -2.88 -28.94 13.32
C ASP A 9 -3.31 -27.48 13.44
N TRP A 10 -3.57 -26.82 12.32
CA TRP A 10 -4.13 -25.48 12.39
C TRP A 10 -5.61 -25.58 12.66
N VAL A 11 -6.11 -24.71 13.55
CA VAL A 11 -7.54 -24.76 13.89
C VAL A 11 -8.22 -23.50 13.40
N THR A 12 -9.32 -23.63 12.66
CA THR A 12 -10.07 -22.48 12.20
C THR A 12 -10.79 -21.84 13.37
N ILE A 13 -10.55 -20.56 13.60
CA ILE A 13 -11.28 -19.87 14.69
C ILE A 13 -12.57 -19.29 14.13
N GLU A 14 -12.43 -18.56 13.05
CA GLU A 14 -13.62 -17.96 12.43
C GLU A 14 -13.26 -17.68 10.99
N GLU A 15 -14.27 -17.80 10.13
CA GLU A 15 -14.12 -17.38 8.74
C GLU A 15 -15.25 -16.44 8.37
N MET A 16 -15.00 -15.60 7.38
CA MET A 16 -16.04 -14.65 6.96
C MET A 16 -15.94 -14.43 5.46
N ASP A 17 -17.08 -14.51 4.77
CA ASP A 17 -17.09 -14.33 3.33
C ASP A 17 -17.10 -12.84 2.99
N PHE A 18 -16.76 -12.50 1.75
CA PHE A 18 -16.70 -11.10 1.35
C PHE A 18 -18.03 -10.34 1.49
N PRO A 19 -19.19 -10.97 1.17
CA PRO A 19 -20.44 -10.23 1.37
C PRO A 19 -20.62 -9.77 2.81
N ARG A 20 -20.30 -10.60 3.81
CA ARG A 20 -20.42 -10.14 5.20
C ARG A 20 -19.36 -9.12 5.58
N LEU A 21 -18.12 -9.35 5.13
CA LEU A 21 -17.07 -8.37 5.41
C LEU A 21 -17.47 -6.99 4.86
N SER A 22 -18.12 -6.96 3.69
CA SER A 22 -18.53 -5.71 3.07
C SER A 22 -19.59 -4.96 3.85
N LYS A 23 -20.23 -5.64 4.80
CA LYS A 23 -21.30 -5.05 5.60
C LYS A 23 -20.82 -4.58 6.99
N LEU A 24 -19.56 -4.85 7.30
CA LEU A 24 -19.03 -4.45 8.61
C LEU A 24 -18.92 -2.94 8.62
N THR A 25 -19.10 -2.32 9.79
CA THR A 25 -19.03 -0.88 9.86
C THR A 25 -18.61 -0.40 11.26
N LEU A 26 -17.69 0.54 11.30
CA LEU A 26 -17.33 1.22 12.53
C LEU A 26 -17.30 2.71 12.26
N PRO A 27 -18.45 3.38 12.30
CA PRO A 27 -18.51 4.81 11.98
C PRO A 27 -17.90 5.69 13.07
N GLY A 28 -17.54 6.92 12.70
CA GLY A 28 -17.13 7.90 13.67
C GLY A 28 -15.68 7.86 14.12
N VAL A 29 -14.86 7.06 13.46
CA VAL A 29 -13.44 7.03 13.79
C VAL A 29 -12.80 8.36 13.41
N LYS A 30 -12.14 8.99 14.38
CA LYS A 30 -11.45 10.25 14.18
C LYS A 30 -10.16 10.15 13.37
N GLU A 31 -9.69 11.30 12.84
CA GLU A 31 -8.41 11.33 12.17
C GLU A 31 -7.32 10.78 13.09
N GLY A 32 -6.30 10.18 12.50
CA GLY A 32 -5.17 9.69 13.26
C GLY A 32 -4.50 10.82 14.00
N GLU A 33 -3.94 10.50 15.16
CA GLU A 33 -3.17 11.47 15.90
C GLU A 33 -1.70 11.10 15.86
N ASP A 34 -0.82 12.04 15.46
CA ASP A 34 0.61 11.77 15.45
C ASP A 34 1.18 11.52 16.84
N VAL A 35 1.90 10.43 17.00
CA VAL A 35 2.63 10.15 18.23
C VAL A 35 4.12 10.43 18.03
N LEU A 36 4.63 10.10 16.85
CA LEU A 36 6.05 10.39 16.50
C LEU A 36 6.18 10.54 15.01
N CYS A 37 7.00 11.49 14.60
CA CYS A 37 7.22 11.77 13.17
C CYS A 37 8.70 11.64 12.91
N CYS A 38 9.09 10.88 11.87
CA CYS A 38 10.51 10.78 11.60
C CYS A 38 10.83 10.55 10.16
N GLY A 39 12.09 10.79 9.80
CA GLY A 39 12.48 10.72 8.40
C GLY A 39 12.54 12.07 7.69
N ALA A 40 12.55 12.03 6.36
CA ALA A 40 12.87 13.22 5.58
C ALA A 40 12.47 12.99 4.15
N VAL A 41 11.82 13.99 3.57
CA VAL A 41 11.30 13.84 2.22
C VAL A 41 11.81 14.94 1.31
N GLU A 42 11.94 14.61 0.05
CA GLU A 42 12.28 15.57 -0.96
C GLU A 42 11.02 16.28 -1.45
N TYR A 43 11.25 17.42 -2.10
CA TYR A 43 10.15 18.20 -2.69
C TYR A 43 9.76 17.73 -4.07
N TYR A 44 8.45 17.74 -4.33
CA TYR A 44 7.96 17.37 -5.64
C TYR A 44 8.42 18.36 -6.71
N ASP A 45 8.81 17.84 -7.87
CA ASP A 45 9.23 18.64 -9.03
C ASP A 45 8.06 18.86 -9.96
N LYS A 46 7.49 20.07 -9.90
CA LYS A 46 6.23 20.35 -10.59
C LYS A 46 6.38 20.35 -12.11
N SER A 47 7.62 20.25 -12.61
CA SER A 47 7.79 20.12 -14.06
C SER A 47 7.17 18.79 -14.53
N TYR A 48 6.94 17.85 -13.61
CA TYR A 48 6.34 16.59 -14.02
C TYR A 48 4.85 16.76 -14.25
N ASP A 49 4.30 17.89 -13.82
CA ASP A 49 2.88 18.17 -14.09
C ASP A 49 2.62 18.57 -15.54
N ARG A 50 3.67 18.87 -16.29
CA ARG A 50 3.54 19.26 -17.69
C ARG A 50 3.89 18.10 -18.64
N VAL A 51 4.21 16.94 -18.08
CA VAL A 51 4.40 15.74 -18.89
C VAL A 51 3.04 15.27 -19.44
N ASN A 52 3.00 14.93 -20.72
CA ASN A 52 1.77 14.40 -21.32
C ASN A 52 2.12 13.51 -22.53
N VAL A 53 1.12 12.95 -23.22
CA VAL A 53 1.40 11.91 -24.21
C VAL A 53 2.21 12.48 -25.37
N LYS A 54 2.02 13.78 -25.63
CA LYS A 54 2.80 14.49 -26.66
C LYS A 54 4.17 14.96 -26.14
N ASN A 55 4.41 14.79 -24.85
CA ASN A 55 5.67 15.22 -24.23
C ASN A 55 6.11 14.22 -23.18
N GLU A 56 6.32 12.98 -23.61
CA GLU A 56 6.60 11.89 -22.67
C GLU A 56 8.01 12.06 -22.10
N LYS A 57 8.25 11.43 -20.97
CA LYS A 57 9.53 11.54 -20.30
C LYS A 57 10.00 10.13 -19.98
N PRO A 58 11.20 9.74 -20.43
CA PRO A 58 11.65 8.39 -20.05
C PRO A 58 11.77 8.23 -18.54
N LEU A 59 11.46 7.03 -18.09
CA LEU A 59 11.58 6.69 -16.67
C LEU A 59 13.01 6.35 -16.36
N GLN A 60 13.52 6.89 -15.27
CA GLN A 60 14.93 6.71 -14.92
C GLN A 60 15.08 5.62 -13.88
N ARG A 61 16.19 4.89 -13.92
CA ARG A 61 16.45 3.89 -12.90
C ARG A 61 17.07 4.63 -11.71
N ILE A 62 16.49 4.48 -10.53
CA ILE A 62 16.98 5.21 -9.38
C ILE A 62 17.53 4.21 -8.39
N ASP A 63 18.69 4.52 -7.84
CA ASP A 63 19.30 3.57 -6.94
C ASP A 63 19.18 4.01 -5.50
N ARG A 64 18.13 3.57 -4.81
CA ARG A 64 17.92 3.97 -3.43
C ARG A 64 17.45 2.82 -2.56
N ILE A 65 17.49 3.03 -1.24
CA ILE A 65 17.02 2.03 -0.29
C ILE A 65 15.54 2.19 -0.02
N PHE A 66 14.78 1.13 -0.29
CA PHE A 66 13.33 1.12 -0.03
C PHE A 66 13.02 0.09 1.08
N HIS A 67 12.75 0.60 2.28
CA HIS A 67 12.38 -0.29 3.39
C HIS A 67 10.91 -0.74 3.39
N THR A 68 10.71 -1.98 3.81
CA THR A 68 9.36 -2.51 3.99
C THR A 68 9.35 -3.26 5.31
N VAL A 69 9.57 -2.55 6.42
CA VAL A 69 9.85 -3.24 7.67
C VAL A 69 8.53 -3.64 8.32
N THR A 70 8.42 -4.91 8.75
CA THR A 70 7.18 -5.34 9.39
C THR A 70 7.12 -4.81 10.81
N THR A 71 5.91 -4.76 11.36
CA THR A 71 5.57 -4.15 12.64
C THR A 71 6.56 -4.50 13.77
N THR A 72 6.84 -5.79 13.95
CA THR A 72 7.58 -6.18 15.15
C THR A 72 9.07 -6.02 14.95
N ASP A 73 9.46 -5.73 13.71
CA ASP A 73 10.87 -5.42 13.39
C ASP A 73 11.17 -3.91 13.49
N ASP A 74 10.11 -3.12 13.62
CA ASP A 74 10.19 -1.66 13.65
C ASP A 74 10.60 -1.19 15.04
N PRO A 75 11.79 -0.57 15.17
CA PRO A 75 12.23 -0.20 16.52
C PRO A 75 11.39 0.92 17.14
N VAL A 76 10.76 1.75 16.33
CA VAL A 76 9.86 2.76 16.90
C VAL A 76 8.59 2.13 17.47
N ILE A 77 8.02 1.17 16.75
CA ILE A 77 6.84 0.48 17.27
C ILE A 77 7.21 -0.26 18.54
N ARG A 78 8.34 -0.96 18.51
CA ARG A 78 8.76 -1.67 19.72
C ARG A 78 8.83 -0.74 20.93
N LYS A 79 9.41 0.44 20.76
CA LYS A 79 9.53 1.37 21.89
C LYS A 79 8.17 1.95 22.29
N LEU A 80 7.40 2.43 21.31
CA LEU A 80 6.07 2.97 21.58
C LEU A 80 5.17 1.99 22.30
N SER A 81 5.31 0.71 21.96
CA SER A 81 4.37 -0.31 22.48
C SER A 81 4.55 -0.48 23.98
N LYS A 82 5.69 -0.03 24.49
CA LYS A 82 5.91 -0.12 25.93
C LYS A 82 5.03 0.88 26.70
N THR A 83 4.60 1.97 26.05
CA THR A 83 3.81 2.98 26.76
C THR A 83 2.50 3.44 26.08
N GLU A 84 2.26 3.06 24.83
CA GLU A 84 1.11 3.58 24.08
C GLU A 84 0.38 2.45 23.40
N GLY A 85 -0.96 2.49 23.37
CA GLY A 85 -1.74 1.60 22.53
C GLY A 85 -1.86 0.15 23.00
N ASN A 86 -2.61 -0.66 22.24
CA ASN A 86 -2.62 -2.10 22.46
C ASN A 86 -2.70 -2.91 21.15
N VAL A 87 -2.79 -2.23 20.01
CA VAL A 87 -2.74 -2.90 18.73
C VAL A 87 -1.76 -2.17 17.82
N TYR A 88 -0.94 -2.93 17.10
CA TYR A 88 0.19 -2.36 16.37
C TYR A 88 0.25 -2.88 14.96
N ALA A 89 0.49 -1.99 14.01
CA ALA A 89 0.55 -2.43 12.61
C ALA A 89 1.30 -1.41 11.77
N THR A 90 1.35 -1.61 10.45
CA THR A 90 1.89 -0.61 9.54
C THR A 90 0.80 -0.33 8.51
N ASP A 91 0.92 0.79 7.81
CA ASP A 91 -0.11 1.16 6.84
C ASP A 91 -0.29 0.08 5.76
N ALA A 92 0.82 -0.50 5.29
CA ALA A 92 0.73 -1.53 4.24
C ALA A 92 -0.03 -2.76 4.73
N ILE A 93 0.24 -3.17 5.95
CA ILE A 93 -0.49 -4.30 6.53
C ILE A 93 -1.97 -3.99 6.75
N LEU A 94 -2.27 -2.81 7.30
CA LEU A 94 -3.64 -2.35 7.49
C LEU A 94 -4.35 -2.28 6.15
N ALA A 95 -3.69 -1.75 5.14
CA ALA A 95 -4.38 -1.62 3.82
C ALA A 95 -4.79 -2.99 3.26
N THR A 96 -3.93 -3.99 3.40
CA THR A 96 -4.27 -5.34 2.94
C THR A 96 -5.54 -5.87 3.65
N ILE A 97 -5.60 -5.69 4.96
CA ILE A 97 -6.79 -6.11 5.71
C ILE A 97 -8.02 -5.27 5.32
N MET A 98 -7.86 -3.96 5.32
CA MET A 98 -9.00 -3.07 5.07
C MET A 98 -9.59 -3.19 3.67
N CYS A 99 -8.77 -3.61 2.72
CA CYS A 99 -9.22 -3.77 1.34
C CYS A 99 -9.39 -5.23 0.96
N CYS A 100 -9.56 -6.13 1.92
CA CYS A 100 -9.54 -7.56 1.60
C CYS A 100 -10.65 -7.97 0.61
N THR A 101 -11.80 -7.27 0.59
CA THR A 101 -12.90 -7.71 -0.23
C THR A 101 -12.64 -7.36 -1.70
N ARG A 102 -11.56 -6.62 -1.94
CA ARG A 102 -11.18 -6.36 -3.34
C ARG A 102 -10.10 -7.30 -3.77
N SER A 103 -9.60 -8.15 -2.87
CA SER A 103 -8.44 -9.00 -3.22
C SER A 103 -8.87 -10.24 -3.98
N ASN A 104 -8.01 -10.67 -4.91
CA ASN A 104 -8.19 -11.91 -5.63
C ASN A 104 -7.05 -12.85 -5.26
N TYR A 105 -5.82 -12.34 -5.36
CA TYR A 105 -4.67 -13.18 -5.11
C TYR A 105 -4.56 -13.44 -3.62
N SER A 106 -4.04 -14.61 -3.26
CA SER A 106 -3.86 -15.03 -1.88
C SER A 106 -2.89 -14.12 -1.10
N TRP A 107 -3.09 -14.02 0.20
CA TRP A 107 -2.20 -13.27 1.08
C TRP A 107 -2.46 -13.73 2.49
N ASP A 108 -1.52 -13.42 3.38
CA ASP A 108 -1.75 -13.76 4.79
C ASP A 108 -1.04 -12.76 5.68
N ILE A 109 -1.50 -12.68 6.92
CA ILE A 109 -0.92 -11.78 7.92
C ILE A 109 -0.84 -12.55 9.23
N VAL A 110 0.30 -12.47 9.91
CA VAL A 110 0.47 -13.14 11.20
C VAL A 110 0.12 -12.15 12.28
N ILE A 111 -0.63 -12.62 13.28
CA ILE A 111 -1.03 -11.79 14.40
C ILE A 111 -0.53 -12.44 15.67
N GLU A 112 0.25 -11.71 16.44
CA GLU A 112 0.76 -12.24 17.71
C GLU A 112 0.07 -11.55 18.86
N LYS A 113 -0.53 -12.35 19.73
CA LYS A 113 -1.17 -11.82 20.93
C LYS A 113 -0.27 -12.08 22.14
N ILE A 114 0.05 -11.00 22.86
CA ILE A 114 0.91 -11.04 24.04
C ILE A 114 0.26 -10.18 25.07
N GLY A 115 -0.26 -10.80 26.11
CA GLY A 115 -1.12 -10.10 27.06
C GLY A 115 -2.32 -9.49 26.37
N ASN A 116 -2.56 -8.21 26.63
CA ASN A 116 -3.63 -7.46 26.04
C ASN A 116 -3.21 -6.79 24.72
N LYS A 117 -2.06 -7.19 24.15
CA LYS A 117 -1.59 -6.51 22.92
C LYS A 117 -1.59 -7.42 21.68
N LEU A 118 -1.88 -6.83 20.51
CA LEU A 118 -1.86 -7.55 19.26
C LEU A 118 -0.84 -6.92 18.34
N PHE A 119 0.03 -7.73 17.75
CA PHE A 119 0.97 -7.20 16.74
C PHE A 119 0.64 -7.87 15.42
N PHE A 120 0.35 -7.06 14.41
CA PHE A 120 0.04 -7.54 13.05
C PHE A 120 1.31 -7.50 12.18
N ASP A 121 1.73 -8.65 11.64
CA ASP A 121 2.98 -8.72 10.87
C ASP A 121 2.81 -9.38 9.51
N LYS A 122 3.68 -9.01 8.58
CA LYS A 122 3.75 -9.73 7.32
C LYS A 122 4.98 -10.62 7.41
N ARG A 123 4.97 -11.74 6.69
CA ARG A 123 6.18 -12.56 6.63
C ARG A 123 7.10 -12.02 5.53
N ASP A 124 8.40 -11.93 5.79
CA ASP A 124 9.28 -11.17 4.87
C ASP A 124 9.69 -11.90 3.60
N ASN A 125 9.57 -13.22 3.60
CA ASN A 125 10.06 -14.03 2.49
C ASN A 125 9.05 -14.17 1.36
N THR A 126 7.92 -13.48 1.47
CA THR A 126 6.80 -13.68 0.56
C THR A 126 6.68 -12.56 -0.45
N GLU A 127 5.63 -12.59 -1.28
CA GLU A 127 5.44 -11.52 -2.25
C GLU A 127 4.60 -10.39 -1.69
N PHE A 128 4.52 -10.31 -0.36
CA PHE A 128 3.65 -9.34 0.30
C PHE A 128 3.89 -7.91 -0.20
N ASP A 129 5.14 -7.55 -0.42
CA ASP A 129 5.46 -6.18 -0.79
C ASP A 129 5.23 -5.86 -2.27
N LEU A 130 5.10 -6.86 -3.11
CA LEU A 130 5.04 -6.58 -4.54
C LEU A 130 3.65 -6.09 -4.92
N LEU A 131 3.61 -5.17 -5.86
CA LEU A 131 2.37 -4.68 -6.40
C LEU A 131 1.80 -5.71 -7.37
N THR A 132 0.47 -5.85 -7.43
CA THR A 132 -0.11 -6.78 -8.39
C THR A 132 -0.53 -6.04 -9.67
N VAL A 133 -0.70 -6.80 -10.75
CA VAL A 133 -1.00 -6.23 -12.05
C VAL A 133 -2.14 -6.99 -12.68
N ASN A 134 -3.23 -6.26 -12.99
CA ASN A 134 -4.44 -6.87 -13.57
C ASN A 134 -5.00 -7.99 -12.73
N GLU A 135 -4.84 -7.84 -11.40
CA GLU A 135 -5.29 -8.83 -10.44
C GLU A 135 -6.80 -9.03 -10.47
N THR A 136 -7.53 -7.94 -10.73
CA THR A 136 -9.00 -8.00 -10.68
C THR A 136 -9.66 -7.91 -12.07
N SER A 137 -8.88 -8.22 -13.10
CA SER A 137 -9.40 -8.40 -14.46
C SER A 137 -10.29 -9.64 -14.58
N VAL A 138 -11.12 -9.66 -15.63
CA VAL A 138 -11.94 -10.84 -15.87
C VAL A 138 -11.04 -12.06 -16.14
N GLU A 139 -10.00 -11.84 -16.97
CA GLU A 139 -8.91 -12.80 -17.13
C GLU A 139 -7.58 -12.17 -16.66
N PRO A 140 -7.15 -12.45 -15.44
CA PRO A 140 -5.85 -11.98 -14.96
C PRO A 140 -4.76 -12.64 -15.79
N PRO A 141 -3.55 -12.12 -15.69
CA PRO A 141 -2.48 -12.63 -16.57
C PRO A 141 -2.26 -14.13 -16.39
N GLN A 142 -2.14 -14.83 -17.51
CA GLN A 142 -2.16 -16.28 -17.52
C GLN A 142 -0.79 -16.93 -17.78
N ASP A 143 0.18 -16.14 -18.21
CA ASP A 143 1.48 -16.73 -18.62
C ASP A 143 2.18 -17.42 -17.47
N ASP A 144 2.91 -18.47 -17.80
CA ASP A 144 3.69 -19.24 -16.85
C ASP A 144 5.07 -18.63 -16.65
N GLY A 145 5.72 -19.07 -15.58
CA GLY A 145 6.87 -18.41 -14.99
C GLY A 145 7.89 -17.61 -15.78
N ASN A 146 8.43 -18.18 -16.85
CA ASN A 146 9.45 -17.52 -17.66
C ASN A 146 9.05 -16.14 -18.21
N SER A 147 7.82 -16.06 -18.69
CA SER A 147 7.34 -14.95 -19.49
C SER A 147 7.50 -13.58 -18.86
N LEU A 148 7.85 -12.59 -19.69
CA LEU A 148 7.89 -11.21 -19.20
C LEU A 148 6.51 -10.75 -18.72
N ASN A 149 5.46 -11.48 -19.12
CA ASN A 149 4.09 -11.12 -18.72
C ASN A 149 3.45 -12.10 -17.75
N SER A 150 4.27 -12.89 -17.06
CA SER A 150 3.75 -13.72 -15.95
C SER A 150 3.31 -12.80 -14.82
N PRO A 151 2.32 -13.22 -14.03
CA PRO A 151 1.94 -12.38 -12.87
C PRO A 151 3.13 -11.95 -12.00
N ARG A 152 4.08 -12.86 -11.74
CA ARG A 152 5.20 -12.47 -10.91
C ARG A 152 6.09 -11.46 -11.59
N ASN A 153 6.39 -11.68 -12.88
CA ASN A 153 7.30 -10.75 -13.54
C ASN A 153 6.62 -9.39 -13.73
N LEU A 154 5.29 -9.40 -13.99
CA LEU A 154 4.56 -8.13 -14.04
C LEU A 154 4.58 -7.41 -12.70
N ALA A 155 4.44 -8.17 -11.61
CA ALA A 155 4.52 -7.61 -10.25
C ALA A 155 5.89 -6.99 -9.95
N LEU A 156 6.95 -7.69 -10.33
CA LEU A 156 8.33 -7.17 -10.14
C LEU A 156 8.51 -5.88 -10.96
N GLU A 157 7.99 -5.88 -12.17
CA GLU A 157 8.11 -4.70 -13.04
C GLU A 157 7.34 -3.51 -12.46
N ALA A 158 6.11 -3.73 -11.99
CA ALA A 158 5.33 -2.62 -11.49
C ALA A 158 5.94 -2.04 -10.18
N THR A 159 6.50 -2.93 -9.35
CA THR A 159 7.16 -2.52 -8.11
C THR A 159 8.41 -1.69 -8.44
N PHE A 160 9.16 -2.16 -9.42
CA PHE A 160 10.36 -1.45 -9.92
C PHE A 160 9.97 -0.07 -10.47
N ILE A 161 8.89 -0.05 -11.28
CA ILE A 161 8.42 1.22 -11.82
C ILE A 161 8.03 2.19 -10.71
N ASN A 162 7.35 1.69 -9.68
CA ASN A 162 6.92 2.57 -8.62
C ASN A 162 8.08 3.14 -7.81
N HIS A 163 9.07 2.30 -7.52
CA HIS A 163 10.30 2.77 -6.89
C HIS A 163 10.92 3.91 -7.72
N ASN A 164 11.07 3.68 -9.03
CA ASN A 164 11.71 4.68 -9.89
C ASN A 164 10.89 5.96 -9.95
N PHE A 165 9.60 5.82 -10.27
CA PHE A 165 8.74 6.98 -10.43
C PHE A 165 8.63 7.87 -9.19
N SER A 166 8.45 7.23 -8.04
CA SER A 166 8.26 7.98 -6.82
C SER A 166 9.46 8.86 -6.51
N GLN A 167 10.64 8.46 -6.97
CA GLN A 167 11.83 9.26 -6.67
C GLN A 167 12.14 10.20 -7.81
N GLN A 168 11.85 9.79 -9.04
CA GLN A 168 12.23 10.61 -10.19
C GLN A 168 11.56 11.98 -10.19
N VAL A 169 10.30 12.00 -9.76
CA VAL A 169 9.51 13.23 -9.81
C VAL A 169 9.81 14.19 -8.68
N LEU A 170 10.87 13.92 -7.91
CA LEU A 170 11.28 14.77 -6.81
C LEU A 170 12.57 15.55 -7.12
N LYS A 171 12.84 16.57 -6.32
CA LYS A 171 14.05 17.38 -6.49
C LYS A 171 15.19 16.70 -5.74
N SER A 172 15.77 15.71 -6.44
CA SER A 172 16.79 14.81 -5.93
C SER A 172 18.06 15.53 -5.48
N ASN A 173 18.33 16.66 -6.10
CA ASN A 173 19.61 17.35 -5.81
C ASN A 173 19.48 18.49 -4.81
N GLU A 174 18.38 18.49 -4.06
CA GLU A 174 18.10 19.58 -3.12
C GLU A 174 17.81 19.02 -1.75
N PRO A 175 18.07 19.83 -0.71
CA PRO A 175 17.87 19.40 0.67
C PRO A 175 16.48 18.91 0.93
N ARG A 176 16.37 18.07 1.94
CA ARG A 176 15.08 17.53 2.27
C ARG A 176 14.37 18.32 3.36
N TYR A 177 13.06 18.16 3.37
CA TYR A 177 12.21 18.55 4.48
C TYR A 177 12.33 17.50 5.57
N LYS A 178 12.88 17.84 6.72
CA LYS A 178 13.18 16.85 7.74
C LYS A 178 12.16 16.87 8.87
N PHE A 179 11.72 15.69 9.29
CA PHE A 179 10.94 15.64 10.50
C PHE A 179 11.87 15.61 11.71
N ASP A 180 11.28 15.66 12.90
CA ASP A 180 12.06 15.88 14.13
C ASP A 180 13.06 14.75 14.41
N GLU A 181 12.63 13.52 14.23
CA GLU A 181 13.48 12.35 14.43
C GLU A 181 13.99 11.85 13.08
N PRO A 182 15.15 11.19 13.09
CA PRO A 182 15.66 10.68 11.82
C PRO A 182 14.95 9.39 11.41
N ASN A 183 15.11 9.02 10.15
CA ASN A 183 14.59 7.75 9.64
C ASN A 183 15.08 6.64 10.58
N PRO A 184 14.17 5.79 11.07
CA PRO A 184 14.55 4.85 12.13
C PRO A 184 15.19 3.59 11.59
N PHE A 185 15.27 3.47 10.28
CA PHE A 185 15.72 2.23 9.66
C PHE A 185 17.15 2.28 9.12
N ILE A 186 17.78 3.43 9.18
CA ILE A 186 19.12 3.54 8.58
C ILE A 186 20.16 4.04 9.55
N SER A 187 21.44 3.85 9.18
CA SER A 187 22.52 4.56 9.82
C SER A 187 22.63 5.95 9.19
N GLU A 188 23.20 6.92 9.91
CA GLU A 188 23.38 8.28 9.39
C GLU A 188 24.13 8.29 8.05
N GLU A 189 25.02 7.30 7.89
CA GLU A 189 25.80 7.13 6.68
C GLU A 189 24.95 6.78 5.44
N GLU A 190 23.72 6.33 5.67
CA GLU A 190 22.84 5.93 4.58
C GLU A 190 21.80 6.98 4.24
N GLU A 191 21.91 8.17 4.84
CA GLU A 191 20.86 9.18 4.67
C GLU A 191 20.83 9.68 3.23
N GLY A 192 21.95 9.58 2.55
CA GLY A 192 22.03 9.98 1.15
C GLY A 192 21.56 8.86 0.22
N GLU A 193 21.36 7.67 0.77
CA GLU A 193 21.01 6.52 -0.06
C GLU A 193 19.54 6.19 0.08
N VAL A 194 18.93 6.57 1.19
CA VAL A 194 17.54 6.11 1.47
C VAL A 194 16.56 6.85 0.56
N ALA A 195 15.48 6.16 0.21
CA ALA A 195 14.38 6.79 -0.52
C ALA A 195 13.83 8.02 0.21
N SER A 196 13.20 8.92 -0.53
CA SER A 196 12.39 10.00 0.05
C SER A 196 11.20 9.37 0.73
N VAL A 197 11.16 9.44 2.06
CA VAL A 197 10.01 8.90 2.80
C VAL A 197 10.07 9.48 4.20
N ALA A 198 8.91 9.90 4.71
CA ALA A 198 8.82 10.34 6.09
C ALA A 198 7.70 9.57 6.72
N TYR A 199 7.88 9.22 8.00
CA TYR A 199 6.91 8.41 8.70
C TYR A 199 6.14 9.19 9.75
N ARG A 200 4.84 8.92 9.83
CA ARG A 200 4.05 9.36 10.96
C ARG A 200 3.56 8.13 11.68
N TYR A 201 3.97 7.95 12.93
CA TYR A 201 3.39 6.89 13.76
C TYR A 201 2.15 7.49 14.40
N ARG A 202 0.97 6.93 14.09
CA ARG A 202 -0.30 7.55 14.42
C ARG A 202 -1.13 6.66 15.28
N LYS A 203 -2.00 7.28 16.09
CA LYS A 203 -2.86 6.61 17.04
C LYS A 203 -4.33 6.78 16.68
N TRP A 204 -5.13 5.70 16.78
CA TRP A 204 -6.59 5.78 16.65
C TRP A 204 -7.27 5.07 17.81
N ASP A 205 -8.38 5.64 18.27
CA ASP A 205 -9.28 5.01 19.22
C ASP A 205 -10.31 4.24 18.36
N LEU A 206 -10.35 2.91 18.48
CA LEU A 206 -11.33 2.12 17.73
C LEU A 206 -12.45 1.54 18.56
N ASN A 207 -12.69 2.15 19.72
CA ASN A 207 -13.71 1.71 20.68
C ASN A 207 -13.42 0.30 21.17
N ASN A 208 -14.27 -0.18 22.08
CA ASN A 208 -14.07 -1.49 22.71
C ASN A 208 -12.67 -1.63 23.31
N GLY A 209 -12.17 -0.58 23.97
CA GLY A 209 -10.87 -0.62 24.59
C GLY A 209 -9.68 -0.81 23.63
N ILE A 210 -9.88 -0.53 22.33
CA ILE A 210 -8.83 -0.72 21.34
C ILE A 210 -8.13 0.59 20.94
N THR A 211 -6.81 0.63 21.10
CA THR A 211 -6.06 1.80 20.65
C THR A 211 -4.99 1.33 19.69
N LEU A 212 -5.17 1.68 18.41
CA LEU A 212 -4.24 1.28 17.37
C LEU A 212 -3.08 2.26 17.21
N ILE A 213 -1.86 1.74 17.12
CA ILE A 213 -0.68 2.54 16.73
C ILE A 213 -0.15 1.95 15.43
N ALA A 214 -0.01 2.76 14.40
CA ALA A 214 0.52 2.22 13.15
C ALA A 214 1.44 3.21 12.45
N ARG A 215 2.41 2.64 11.72
CA ARG A 215 3.37 3.43 10.95
C ARG A 215 2.77 3.83 9.62
N CYS A 216 2.62 5.14 9.40
CA CYS A 216 2.09 5.66 8.14
C CYS A 216 3.19 6.43 7.46
N GLU A 217 3.02 6.83 6.21
CA GLU A 217 4.14 7.51 5.53
C GLU A 217 3.69 8.45 4.41
N HIS A 218 4.59 9.37 4.01
CA HIS A 218 4.42 10.21 2.82
C HIS A 218 5.65 9.98 1.96
N ASP A 219 5.51 10.14 0.64
CA ASP A 219 6.60 10.02 -0.30
C ASP A 219 7.34 11.32 -0.53
N ALA A 220 6.67 12.43 -0.27
CA ALA A 220 7.21 13.72 -0.64
C ALA A 220 6.44 14.86 0.01
N VAL A 221 7.02 16.07 -0.11
CA VAL A 221 6.30 17.30 0.21
C VAL A 221 6.23 18.16 -1.02
N MET A 222 5.32 19.12 -0.97
CA MET A 222 5.15 20.03 -2.07
C MET A 222 4.78 21.39 -1.50
N GLN A 223 5.23 22.46 -2.13
CA GLN A 223 4.82 23.79 -1.68
C GLN A 223 3.44 24.04 -2.28
N GLY A 224 2.45 24.23 -1.43
CA GLY A 224 1.06 24.39 -1.84
C GLY A 224 0.78 25.80 -2.33
N PRO A 225 -0.52 26.12 -2.50
CA PRO A 225 -1.01 27.37 -3.13
C PRO A 225 -0.30 28.63 -2.64
N ASN A 226 -0.23 28.80 -1.32
CA ASN A 226 0.48 29.96 -0.78
C ASN A 226 1.49 29.55 0.29
N ASN A 227 2.57 28.93 -0.17
CA ASN A 227 3.67 28.47 0.67
C ASN A 227 3.29 27.44 1.72
N GLU A 228 2.09 26.89 1.61
CA GLU A 228 1.64 25.86 2.55
C GLU A 228 2.26 24.51 2.20
N THR A 229 2.88 23.88 3.19
CA THR A 229 3.49 22.59 3.00
C THR A 229 2.43 21.50 2.87
N GLN A 230 2.41 20.82 1.74
CA GLN A 230 1.49 19.69 1.55
C GLN A 230 2.27 18.41 1.48
N PHE A 231 1.66 17.34 1.96
CA PHE A 231 2.33 16.04 2.00
C PHE A 231 1.69 15.08 1.03
N LEU A 232 2.52 14.30 0.34
CA LEU A 232 2.05 13.56 -0.84
C LEU A 232 2.23 12.06 -0.72
N THR A 233 1.27 11.32 -1.28
CA THR A 233 1.45 9.92 -1.55
C THR A 233 1.60 9.84 -3.06
N ILE A 234 2.68 9.20 -3.53
CA ILE A 234 2.97 9.17 -4.96
C ILE A 234 3.07 7.75 -5.47
N LYS A 235 2.23 7.41 -6.44
CA LYS A 235 2.20 6.03 -6.96
C LYS A 235 2.16 6.02 -8.47
N ALA A 236 2.56 4.90 -9.06
CA ALA A 236 2.56 4.77 -10.51
C ALA A 236 1.64 3.69 -10.96
N LEU A 237 0.67 4.06 -11.82
CA LEU A 237 -0.09 3.09 -12.58
C LEU A 237 0.77 2.67 -13.75
N ASN A 238 0.61 1.45 -14.24
CA ASN A 238 1.44 1.06 -15.37
C ASN A 238 0.73 0.25 -16.43
N GLU A 239 1.23 0.40 -17.64
CA GLU A 239 0.73 -0.33 -18.80
C GLU A 239 1.85 -1.19 -19.33
N TRP A 240 1.59 -2.49 -19.48
CA TRP A 240 2.58 -3.43 -19.96
C TRP A 240 2.34 -3.80 -21.45
N ASP A 241 1.16 -4.27 -21.80
CA ASP A 241 0.84 -4.62 -23.19
C ASP A 241 -0.68 -4.48 -23.30
N SER A 242 -1.13 -3.32 -23.76
CA SER A 242 -2.55 -3.01 -23.78
C SER A 242 -3.31 -4.05 -24.59
N LYS A 243 -2.72 -4.54 -25.68
CA LYS A 243 -3.44 -5.54 -26.48
C LYS A 243 -3.61 -6.86 -25.74
N LEU A 244 -2.57 -7.38 -25.11
CA LEU A 244 -2.69 -8.61 -24.37
C LEU A 244 -3.52 -8.44 -23.11
N ALA A 245 -3.53 -7.23 -22.54
CA ALA A 245 -4.35 -6.95 -21.36
C ALA A 245 -5.80 -6.70 -21.73
N ASN A 246 -6.07 -6.54 -23.03
CA ASN A 246 -7.38 -6.08 -23.54
C ASN A 246 -7.80 -4.77 -22.88
N GLY A 247 -6.84 -3.86 -22.76
CA GLY A 247 -7.07 -2.57 -22.14
C GLY A 247 -7.37 -1.47 -23.13
N VAL A 248 -7.38 -0.23 -22.64
CA VAL A 248 -7.49 0.90 -23.58
C VAL A 248 -6.11 1.52 -23.71
N GLU A 249 -5.65 1.72 -24.94
CA GLU A 249 -4.25 2.06 -25.21
C GLU A 249 -3.97 3.48 -24.72
N TRP A 250 -3.09 3.62 -23.74
CA TRP A 250 -2.83 4.91 -23.12
C TRP A 250 -2.34 6.00 -24.08
N ARG A 251 -1.43 5.66 -24.97
CA ARG A 251 -0.96 6.64 -25.93
C ARG A 251 -2.07 7.17 -26.81
N ARG A 252 -3.10 6.36 -27.05
CA ARG A 252 -4.20 6.77 -27.91
C ARG A 252 -5.33 7.46 -27.18
N LYS A 253 -5.47 7.21 -25.89
CA LYS A 253 -6.69 7.61 -25.16
C LYS A 253 -6.43 8.57 -23.99
N LEU A 254 -5.19 8.70 -23.52
CA LEU A 254 -4.96 9.57 -22.36
C LEU A 254 -5.34 11.03 -22.65
N ASP A 255 -5.14 11.47 -23.88
CA ASP A 255 -5.34 12.86 -24.26
C ASP A 255 -6.80 13.30 -24.19
N THR A 256 -7.69 12.49 -24.77
CA THR A 256 -9.09 12.87 -24.86
C THR A 256 -10.00 12.02 -23.98
N GLN A 257 -9.59 10.80 -23.67
CA GLN A 257 -10.45 9.90 -22.89
C GLN A 257 -9.79 9.45 -21.60
N ARG A 258 -9.23 10.42 -20.87
CA ARG A 258 -8.69 10.19 -19.54
C ARG A 258 -9.64 9.42 -18.62
N GLY A 259 -10.92 9.78 -18.68
CA GLY A 259 -11.91 9.12 -17.83
C GLY A 259 -11.98 7.63 -18.10
N ALA A 260 -11.94 7.25 -19.36
CA ALA A 260 -12.04 5.84 -19.74
C ALA A 260 -10.79 5.09 -19.28
N VAL A 261 -9.62 5.73 -19.41
CA VAL A 261 -8.36 5.12 -18.96
C VAL A 261 -8.45 4.86 -17.46
N LEU A 262 -8.93 5.87 -16.71
CA LEU A 262 -9.00 5.71 -15.25
C LEU A 262 -10.01 4.62 -14.85
N ALA A 263 -11.16 4.61 -15.51
CA ALA A 263 -12.19 3.63 -15.19
C ALA A 263 -11.67 2.21 -15.37
N ASN A 264 -10.90 2.02 -16.44
CA ASN A 264 -10.30 0.71 -16.70
C ASN A 264 -9.32 0.34 -15.58
N GLU A 265 -8.53 1.29 -15.10
CA GLU A 265 -7.64 0.99 -13.98
C GLU A 265 -8.40 0.63 -12.70
N LEU A 266 -9.47 1.35 -12.41
CA LEU A 266 -10.26 1.10 -11.21
C LEU A 266 -10.79 -0.33 -11.20
N ARG A 267 -11.22 -0.85 -12.35
CA ARG A 267 -11.79 -2.19 -12.34
C ARG A 267 -10.71 -3.30 -12.38
N ASN A 268 -9.60 -3.05 -13.08
CA ASN A 268 -8.61 -4.08 -13.37
C ASN A 268 -7.50 -4.13 -12.34
N ASN A 269 -7.43 -3.09 -11.53
CA ASN A 269 -6.43 -3.03 -10.45
C ASN A 269 -7.09 -2.56 -9.17
N ALA A 270 -8.26 -3.13 -8.86
CA ALA A 270 -9.11 -2.58 -7.79
C ALA A 270 -8.46 -2.65 -6.42
N CYS A 271 -7.78 -3.75 -6.11
CA CYS A 271 -7.21 -3.89 -4.79
C CYS A 271 -6.00 -2.95 -4.63
N LYS A 272 -5.11 -2.98 -5.63
CA LYS A 272 -3.92 -2.10 -5.64
C LYS A 272 -4.30 -0.64 -5.39
N LEU A 273 -5.29 -0.17 -6.13
CA LEU A 273 -5.65 1.24 -6.05
C LEU A 273 -6.32 1.58 -4.73
N ALA A 274 -7.17 0.67 -4.23
CA ALA A 274 -7.81 0.92 -2.93
C ALA A 274 -6.74 0.94 -1.82
N LYS A 275 -5.74 0.04 -1.89
CA LYS A 275 -4.71 0.01 -0.82
C LYS A 275 -3.88 1.30 -0.81
N TRP A 276 -3.55 1.80 -1.99
CA TRP A 276 -2.84 3.07 -2.07
C TRP A 276 -3.64 4.22 -1.46
N THR A 277 -4.94 4.21 -1.72
CA THR A 277 -5.83 5.26 -1.21
C THR A 277 -5.93 5.14 0.29
N VAL A 278 -6.06 3.90 0.80
CA VAL A 278 -6.01 3.76 2.26
C VAL A 278 -4.68 4.27 2.85
N GLN A 279 -3.55 3.94 2.22
CA GLN A 279 -2.28 4.46 2.73
C GLN A 279 -2.27 6.00 2.81
N ALA A 280 -2.76 6.68 1.78
CA ALA A 280 -2.81 8.15 1.77
C ALA A 280 -3.76 8.68 2.86
N LEU A 281 -4.91 8.05 3.02
CA LEU A 281 -5.88 8.46 4.05
C LEU A 281 -5.32 8.24 5.46
N LEU A 282 -4.67 7.11 5.69
CA LEU A 282 -4.18 6.85 7.04
C LEU A 282 -3.10 7.87 7.43
N ALA A 283 -2.25 8.22 6.47
CA ALA A 283 -1.15 9.15 6.70
C ALA A 283 -1.66 10.60 6.80
N GLY A 284 -2.81 10.86 6.21
CA GLY A 284 -3.31 12.22 6.15
C GLY A 284 -2.64 13.01 5.02
N SER A 285 -2.20 12.32 3.96
CA SER A 285 -1.64 13.01 2.79
C SER A 285 -2.65 14.00 2.24
N ASP A 286 -2.16 15.15 1.78
CA ASP A 286 -3.00 16.17 1.16
C ASP A 286 -3.39 15.81 -0.28
N GLN A 287 -2.50 15.08 -0.96
CA GLN A 287 -2.73 14.65 -2.33
C GLN A 287 -2.20 13.25 -2.56
N LEU A 288 -2.89 12.56 -3.45
CA LEU A 288 -2.43 11.34 -4.07
C LEU A 288 -2.05 11.72 -5.49
N LYS A 289 -0.80 11.48 -5.85
CA LYS A 289 -0.28 11.77 -7.19
C LYS A 289 -0.06 10.44 -7.89
N PHE A 290 -0.66 10.29 -9.08
CA PHE A 290 -0.49 9.10 -9.89
C PHE A 290 0.31 9.40 -11.11
N GLY A 291 1.31 8.57 -11.39
CA GLY A 291 1.91 8.63 -12.71
C GLY A 291 1.33 7.54 -13.58
N TYR A 292 1.36 7.74 -14.90
CA TYR A 292 0.94 6.75 -15.90
C TYR A 292 2.19 6.35 -16.66
N VAL A 293 2.73 5.17 -16.35
CA VAL A 293 3.97 4.68 -16.94
C VAL A 293 3.71 3.52 -17.86
N SER A 294 4.29 3.54 -19.06
CA SER A 294 4.09 2.46 -20.01
C SER A 294 5.44 1.92 -20.46
N ARG A 295 5.49 0.66 -20.85
CA ARG A 295 6.70 0.19 -21.55
C ARG A 295 6.94 1.06 -22.77
N ALA A 296 8.23 1.28 -23.09
CA ALA A 296 8.59 1.93 -24.33
C ALA A 296 8.23 1.03 -25.51
N SER A 297 8.42 -0.26 -25.32
CA SER A 297 8.04 -1.28 -26.32
C SER A 297 7.42 -2.45 -25.60
N VAL A 298 6.36 -3.03 -26.18
CA VAL A 298 5.62 -3.99 -25.37
C VAL A 298 6.39 -5.27 -25.16
N ARG A 299 7.45 -5.46 -25.97
CA ARG A 299 8.23 -6.70 -25.81
C ARG A 299 9.41 -6.59 -24.88
N ASP A 300 9.55 -5.43 -24.25
CA ASP A 300 10.73 -5.17 -23.39
C ASP A 300 10.27 -4.58 -22.05
N SER A 301 10.43 -5.32 -20.94
CA SER A 301 10.01 -4.82 -19.64
C SER A 301 11.12 -4.03 -18.91
N SER A 302 12.23 -3.70 -19.60
CA SER A 302 13.31 -2.97 -18.94
C SER A 302 13.36 -1.45 -19.23
N LYS A 303 12.53 -0.97 -20.16
CA LYS A 303 12.52 0.43 -20.53
C LYS A 303 11.13 1.00 -20.49
N HIS A 304 10.96 2.13 -19.83
CA HIS A 304 9.60 2.68 -19.59
C HIS A 304 9.55 4.18 -19.86
N VAL A 305 8.34 4.69 -20.07
CA VAL A 305 8.16 6.13 -20.25
C VAL A 305 6.99 6.62 -19.44
N ILE A 306 7.15 7.84 -18.93
CA ILE A 306 6.06 8.50 -18.20
C ILE A 306 5.20 9.23 -19.22
N LEU A 307 3.90 8.90 -19.26
CA LEU A 307 3.00 9.50 -20.25
C LEU A 307 2.15 10.63 -19.66
N GLU A 308 1.93 10.63 -18.36
CA GLU A 308 0.97 11.56 -17.79
C GLU A 308 1.10 11.51 -16.26
N THR A 309 0.68 12.57 -15.57
CA THR A 309 0.55 12.51 -14.11
C THR A 309 -0.80 13.12 -13.75
N GLN A 310 -1.38 12.68 -12.64
CA GLN A 310 -2.68 13.16 -12.17
C GLN A 310 -2.63 13.32 -10.67
N GLN A 311 -3.46 14.21 -10.15
CA GLN A 311 -3.47 14.51 -8.71
C GLN A 311 -4.93 14.42 -8.19
N TYR A 312 -5.11 13.81 -7.02
CA TYR A 312 -6.42 13.70 -6.37
C TYR A 312 -6.28 14.00 -4.91
N LYS A 313 -7.27 14.67 -4.33
CA LYS A 313 -7.40 14.65 -2.88
C LYS A 313 -7.83 13.23 -2.45
N PRO A 314 -7.17 12.66 -1.44
CA PRO A 314 -7.46 11.24 -1.14
C PRO A 314 -8.91 10.99 -0.79
N ASN A 315 -9.56 11.91 -0.07
CA ASN A 315 -10.96 11.67 0.31
C ASN A 315 -11.87 11.71 -0.92
N GLU A 316 -11.51 12.51 -1.91
CA GLU A 316 -12.30 12.56 -3.14
C GLU A 316 -12.08 11.33 -4.01
N PHE A 317 -10.84 10.84 -4.03
CA PHE A 317 -10.55 9.62 -4.77
C PHE A 317 -11.25 8.43 -4.13
N ALA A 318 -11.26 8.39 -2.80
CA ALA A 318 -11.98 7.32 -2.09
C ALA A 318 -13.43 7.30 -2.53
N THR A 319 -14.01 8.47 -2.70
CA THR A 319 -15.43 8.52 -3.12
C THR A 319 -15.56 7.96 -4.54
N GLN A 320 -14.61 8.34 -5.40
CA GLN A 320 -14.59 7.84 -6.78
C GLN A 320 -14.47 6.33 -6.88
N ILE A 321 -13.72 5.69 -5.98
CA ILE A 321 -13.58 4.21 -6.05
C ILE A 321 -14.51 3.49 -5.07
N ASN A 322 -15.42 4.22 -4.46
CA ASN A 322 -16.35 3.62 -3.46
C ASN A 322 -15.62 2.93 -2.32
N LEU A 323 -14.54 3.56 -1.87
CA LEU A 323 -13.83 3.15 -0.67
C LEU A 323 -14.46 3.87 0.51
N ASN A 324 -14.95 3.09 1.48
CA ASN A 324 -15.65 3.60 2.66
C ASN A 324 -14.85 3.23 3.90
N MET A 325 -14.28 4.25 4.57
CA MET A 325 -13.42 3.95 5.69
C MET A 325 -14.22 3.42 6.87
N ASP A 326 -15.54 3.68 6.92
CA ASP A 326 -16.35 3.05 7.98
C ASP A 326 -16.28 1.52 7.84
N ASN A 327 -16.27 1.04 6.60
CA ASN A 327 -16.13 -0.39 6.32
C ASN A 327 -14.72 -0.89 6.64
N ALA A 328 -13.72 -0.14 6.19
CA ALA A 328 -12.31 -0.50 6.44
C ALA A 328 -12.07 -0.68 7.96
N TRP A 329 -12.53 0.29 8.74
CA TRP A 329 -12.32 0.24 10.20
C TRP A 329 -13.15 -0.92 10.80
N GLY A 330 -14.35 -1.15 10.28
CA GLY A 330 -15.19 -2.25 10.74
C GLY A 330 -14.54 -3.60 10.54
N ILE A 331 -13.93 -3.79 9.36
CA ILE A 331 -13.22 -5.03 9.08
C ILE A 331 -12.09 -5.20 10.07
N LEU A 332 -11.29 -4.15 10.26
CA LEU A 332 -10.16 -4.29 11.18
C LEU A 332 -10.65 -4.61 12.60
N ARG A 333 -11.70 -3.92 13.06
CA ARG A 333 -12.17 -4.14 14.43
C ARG A 333 -12.68 -5.56 14.60
N CYS A 334 -13.34 -6.09 13.57
CA CYS A 334 -13.84 -7.47 13.62
C CYS A 334 -12.65 -8.43 13.84
N ILE A 335 -11.58 -8.26 13.05
CA ILE A 335 -10.44 -9.17 13.19
C ILE A 335 -9.78 -9.00 14.56
N ILE A 336 -9.67 -7.76 14.99
CA ILE A 336 -9.12 -7.48 16.32
C ILE A 336 -9.96 -8.19 17.40
N ASP A 337 -11.28 -8.09 17.31
CA ASP A 337 -12.12 -8.73 18.32
C ASP A 337 -11.94 -10.25 18.38
N ILE A 338 -11.87 -10.89 17.21
CA ILE A 338 -11.64 -12.32 17.15
C ILE A 338 -10.38 -12.66 17.88
N CYS A 339 -9.30 -11.90 17.61
CA CYS A 339 -8.01 -12.20 18.22
C CYS A 339 -7.97 -11.90 19.69
N MET A 340 -8.57 -10.80 20.11
CA MET A 340 -8.57 -10.46 21.56
C MET A 340 -9.31 -11.51 22.40
N ASN A 341 -10.23 -12.25 21.79
CA ASN A 341 -10.93 -13.29 22.54
C ASN A 341 -10.07 -14.56 22.72
N GLN A 342 -8.86 -14.56 22.14
CA GLN A 342 -8.03 -15.77 22.19
C GLN A 342 -6.99 -15.71 23.28
N LYS A 343 -6.37 -16.87 23.53
CA LYS A 343 -5.20 -16.97 24.37
C LYS A 343 -3.98 -16.36 23.69
N ASP A 344 -3.00 -15.98 24.50
CA ASP A 344 -1.72 -15.52 23.98
C ASP A 344 -1.15 -16.54 23.00
N GLY A 345 -0.51 -16.05 21.94
CA GLY A 345 0.06 -16.95 20.94
C GLY A 345 -0.09 -16.36 19.55
N LYS A 346 0.16 -17.19 18.55
CA LYS A 346 0.14 -16.72 17.17
C LYS A 346 -1.11 -17.16 16.45
N TYR A 347 -1.60 -16.28 15.59
CA TYR A 347 -2.80 -16.51 14.78
C TYR A 347 -2.46 -16.07 13.38
N LEU A 348 -3.24 -16.54 12.43
CA LEU A 348 -3.02 -16.18 11.04
C LEU A 348 -4.29 -15.85 10.32
N ILE A 349 -4.35 -14.69 9.69
CA ILE A 349 -5.49 -14.39 8.85
C ILE A 349 -5.03 -14.54 7.41
N MET A 350 -5.82 -15.25 6.63
CA MET A 350 -5.46 -15.43 5.23
C MET A 350 -6.67 -15.44 4.31
N LYS A 351 -6.37 -15.08 3.08
CA LYS A 351 -7.34 -15.02 1.98
C LYS A 351 -7.25 -16.34 1.23
N ASP A 352 -8.38 -17.04 1.12
CA ASP A 352 -8.45 -18.28 0.36
C ASP A 352 -8.11 -18.07 -1.12
N PRO A 353 -7.13 -18.84 -1.63
CA PRO A 353 -6.68 -18.71 -3.02
C PRO A 353 -7.84 -18.79 -4.04
N ASN A 354 -8.85 -19.57 -3.73
CA ASN A 354 -9.87 -19.74 -4.75
C ASN A 354 -11.24 -19.17 -4.39
N LYS A 355 -11.43 -18.74 -3.14
CA LYS A 355 -12.77 -18.34 -2.70
C LYS A 355 -12.79 -16.93 -2.12
N PRO A 356 -13.95 -16.25 -2.22
CA PRO A 356 -14.00 -14.90 -1.64
C PRO A 356 -14.23 -14.99 -0.14
N MET A 357 -13.19 -15.36 0.57
CA MET A 357 -13.32 -15.33 2.01
C MET A 357 -12.01 -15.24 2.73
N ILE A 358 -12.09 -14.81 3.99
CA ILE A 358 -10.89 -14.78 4.82
C ILE A 358 -11.11 -15.69 5.98
N ARG A 359 -10.02 -16.28 6.44
CA ARG A 359 -10.09 -17.27 7.49
C ARG A 359 -9.05 -16.93 8.54
N LEU A 360 -9.42 -16.99 9.82
CA LEU A 360 -8.48 -16.77 10.90
C LEU A 360 -8.19 -18.09 11.59
N TYR A 361 -6.91 -18.45 11.67
CA TYR A 361 -6.45 -19.70 12.20
C TYR A 361 -5.70 -19.51 13.49
N ASP A 362 -5.83 -20.49 14.37
CA ASP A 362 -4.97 -20.68 15.52
C ASP A 362 -3.83 -21.58 15.05
N ILE A 363 -2.59 -21.08 15.06
CA ILE A 363 -1.47 -21.88 14.58
C ILE A 363 -0.48 -22.17 15.70
N PRO A 364 0.26 -23.30 15.58
CA PRO A 364 1.31 -23.59 16.58
C PRO A 364 2.27 -22.41 16.70
N ASP A 365 2.67 -22.06 17.91
CA ASP A 365 3.42 -20.80 18.10
C ASP A 365 4.84 -20.83 17.54
N ASN A 366 5.31 -22.00 17.13
CA ASN A 366 6.64 -22.12 16.54
C ASN A 366 6.57 -22.24 15.02
N THR A 367 5.38 -22.03 14.47
CA THR A 367 5.18 -22.03 13.01
C THR A 367 5.99 -20.94 12.32
N PHE A 368 5.88 -19.72 12.85
CA PHE A 368 6.58 -18.57 12.28
C PHE A 368 7.34 -17.86 13.41
C1 GOL B . -10.81 -6.15 -19.58
O1 GOL B . -10.56 -4.81 -19.17
C2 GOL B . -10.15 -7.18 -18.67
O2 GOL B . -10.82 -7.21 -17.43
C3 GOL B . -10.23 -8.57 -19.30
O3 GOL B . -9.44 -9.51 -18.58
C1 GOL C . -1.59 -12.43 -22.04
O1 GOL C . -2.19 -13.22 -23.05
C2 GOL C . -1.25 -13.31 -20.87
O2 GOL C . -2.44 -13.47 -20.11
C3 GOL C . -0.20 -12.55 -20.07
O3 GOL C . 0.14 -13.29 -18.93
C1 GOL D . -9.02 7.37 8.29
O1 GOL D . -10.43 7.25 8.46
C2 GOL D . -8.45 8.58 9.03
O2 GOL D . -8.86 8.54 10.38
C3 GOL D . -6.93 8.54 8.98
O3 GOL D . -6.33 9.73 9.47
#